data_3MEY
#
_entry.id   3MEY
#
_cell.length_a   127.166
_cell.length_b   101.133
_cell.length_c   50.414
_cell.angle_alpha   90.000
_cell.angle_beta   90.000
_cell.angle_gamma   90.000
#
_symmetry.space_group_name_H-M   'P 21 21 2'
#
loop_
_entity.id
_entity.type
_entity.pdbx_description
1 polymer 'Bll0957 protein'
2 non-polymer 'ZINC ION'
3 non-polymer 'MAGNESIUM ION'
4 non-polymer "ADENOSINE-5'-TRIPHOSPHATE"
5 water water
#
_entity_poly.entity_id   1
_entity_poly.type   'polypeptide(L)'
_entity_poly.pdbx_seq_one_letter_code
;MGSSHHHHHHSSGLVPRGSHMNIAVLPNSPDTAPQIADPLDHLADKLFHSMGSDGVYARTALYESIVERLAALITSHREA
GTEALRFPPVMSRAQLEKSGYLKSFPNLLGCVCGLHGTEREINAAVSRFDAGGDWTTSLSPADLVLSPAACYPVYPIAAS
RGPLPKGGLRFDVAADCFRREPSKHLDRLQSFRMREYVCIGTPDDVSDFRERWMVRAQAIARDLGLTFRVDYASDPFFGR
VGQMKAVSQKQQQLKFELLIPLRSEEQPTACMSFNYHREHFGTTWGIQDANGEPAHTGCVAFGMDRLAVAMFHTHGTDLS
AWPAKVRDILGLQPHVAAGAHGEGWR
;
_entity_poly.pdbx_strand_id   A,B
#
loop_
_chem_comp.id
_chem_comp.type
_chem_comp.name
_chem_comp.formula
ATP non-polymer ADENOSINE-5'-TRIPHOSPHATE 'C10 H16 N5 O13 P3'
MG non-polymer 'MAGNESIUM ION' 'Mg 2'
ZN non-polymer 'ZINC ION' 'Zn 2'
#
# COMPACT_ATOMS: atom_id res chain seq x y z
N ASP A 38 -11.65 18.81 16.92
CA ASP A 38 -10.29 18.31 16.94
C ASP A 38 -9.32 19.29 16.25
N PRO A 39 -8.13 19.56 16.82
CA PRO A 39 -7.19 20.53 16.21
C PRO A 39 -6.68 20.20 14.81
N LEU A 40 -6.78 18.93 14.39
CA LEU A 40 -6.31 18.47 13.09
C LEU A 40 -7.35 18.60 12.00
N ASP A 41 -8.64 18.59 12.38
CA ASP A 41 -9.77 18.62 11.44
C ASP A 41 -9.67 19.62 10.31
N HIS A 42 -9.32 20.87 10.61
CA HIS A 42 -9.19 21.95 9.63
C HIS A 42 -8.14 21.67 8.53
N LEU A 43 -7.20 20.73 8.77
CA LEU A 43 -6.18 20.36 7.79
C LEU A 43 -6.77 19.47 6.69
N ALA A 44 -7.82 18.71 6.99
CA ALA A 44 -8.48 17.73 6.12
C ALA A 44 -8.84 18.19 4.69
N ASP A 45 -9.18 19.48 4.52
CA ASP A 45 -9.59 20.03 3.23
C ASP A 45 -8.50 20.06 2.17
N LYS A 46 -7.28 20.38 2.59
CA LYS A 46 -6.17 20.50 1.67
C LYS A 46 -5.37 19.23 1.58
N LEU A 47 -5.62 18.26 2.47
CA LEU A 47 -4.83 17.01 2.52
C LEU A 47 -5.51 15.78 2.01
N PHE A 48 -6.81 15.65 2.30
CA PHE A 48 -7.58 14.45 2.02
C PHE A 48 -8.89 14.62 1.34
N HIS A 49 -9.39 13.51 0.76
CA HIS A 49 -10.75 13.37 0.23
C HIS A 49 -11.32 12.12 0.84
N SER A 50 -12.58 12.22 1.27
CA SER A 50 -13.34 11.12 1.86
C SER A 50 -13.49 9.98 0.86
N MET A 51 -13.39 8.76 1.40
CA MET A 51 -13.51 7.53 0.63
C MET A 51 -14.63 6.63 1.16
N GLY A 52 -15.47 7.20 2.03
CA GLY A 52 -16.62 6.56 2.64
C GLY A 52 -16.32 5.64 3.78
N SER A 53 -15.14 5.82 4.42
CA SER A 53 -14.69 5.01 5.55
C SER A 53 -13.70 5.82 6.38
N ASP A 54 -13.93 5.87 7.69
CA ASP A 54 -13.07 6.61 8.64
C ASP A 54 -11.68 6.02 8.63
N GLY A 55 -10.68 6.89 8.51
CA GLY A 55 -9.28 6.48 8.49
C GLY A 55 -8.78 5.90 7.19
N VAL A 56 -9.56 6.05 6.11
CA VAL A 56 -9.29 5.60 4.73
C VAL A 56 -9.57 6.82 3.84
N TYR A 57 -8.53 7.54 3.46
CA TYR A 57 -8.68 8.77 2.66
C TYR A 57 -7.83 8.77 1.42
N ALA A 58 -8.27 9.55 0.43
CA ALA A 58 -7.54 9.81 -0.82
C ALA A 58 -6.56 10.97 -0.46
N ARG A 59 -5.30 10.88 -0.88
CA ARG A 59 -4.31 11.93 -0.61
C ARG A 59 -4.29 12.92 -1.78
N THR A 60 -4.24 14.22 -1.47
CA THR A 60 -4.14 15.28 -2.47
C THR A 60 -2.68 15.38 -2.99
N ALA A 61 -2.46 16.14 -4.07
CA ALA A 61 -1.10 16.32 -4.62
C ALA A 61 -0.18 16.98 -3.58
N LEU A 62 -0.73 17.96 -2.82
CA LEU A 62 0.00 18.66 -1.77
C LEU A 62 0.52 17.68 -0.70
N TYR A 63 -0.39 16.87 -0.10
CA TYR A 63 -0.09 15.88 0.94
C TYR A 63 0.97 14.88 0.48
N GLU A 64 0.76 14.32 -0.71
CA GLU A 64 1.62 13.33 -1.31
C GLU A 64 3.04 13.81 -1.60
N SER A 65 3.23 15.10 -1.98
CA SER A 65 4.58 15.63 -2.24
C SER A 65 5.38 15.71 -0.95
N ILE A 66 4.67 15.94 0.15
CA ILE A 66 5.29 16.00 1.48
C ILE A 66 5.66 14.62 1.97
N VAL A 67 4.79 13.60 1.76
CA VAL A 67 5.06 12.21 2.14
C VAL A 67 6.32 11.77 1.38
N GLU A 68 6.39 12.08 0.07
CA GLU A 68 7.53 11.71 -0.79
C GLU A 68 8.85 12.33 -0.37
N ARG A 69 8.81 13.60 0.07
CA ARG A 69 9.99 14.36 0.52
C ARG A 69 10.45 13.89 1.87
N LEU A 70 9.50 13.45 2.71
CA LEU A 70 9.81 12.88 4.02
C LEU A 70 10.43 11.51 3.79
N ALA A 71 9.91 10.75 2.81
CA ALA A 71 10.45 9.44 2.41
C ALA A 71 11.91 9.58 1.92
N ALA A 72 12.17 10.57 1.04
CA ALA A 72 13.51 10.86 0.49
C ALA A 72 14.47 11.27 1.61
N LEU A 73 13.99 12.06 2.59
CA LEU A 73 14.79 12.51 3.73
C LEU A 73 15.25 11.32 4.58
N ILE A 74 14.33 10.39 4.87
CA ILE A 74 14.64 9.17 5.63
C ILE A 74 15.67 8.34 4.84
N THR A 75 15.50 8.21 3.50
CA THR A 75 16.46 7.49 2.65
C THR A 75 17.86 8.06 2.77
N SER A 76 17.99 9.40 2.79
CA SER A 76 19.30 10.07 2.90
C SER A 76 20.09 9.69 4.18
N HIS A 77 19.39 9.15 5.21
CA HIS A 77 19.98 8.76 6.49
C HIS A 77 20.24 7.26 6.57
N ARG A 78 20.02 6.55 5.45
CA ARG A 78 20.23 5.11 5.38
C ARG A 78 21.71 4.77 5.49
N GLU A 79 22.07 3.99 6.53
CA GLU A 79 23.43 3.50 6.73
C GLU A 79 23.85 2.61 5.57
N ALA A 80 25.18 2.47 5.40
CA ALA A 80 25.72 1.67 4.30
C ALA A 80 25.45 0.17 4.53
N GLY A 81 25.24 -0.57 3.45
CA GLY A 81 24.98 -2.01 3.53
C GLY A 81 23.62 -2.37 4.08
N THR A 82 22.63 -1.43 3.90
CA THR A 82 21.25 -1.63 4.33
C THR A 82 20.51 -2.02 3.08
N GLU A 83 19.94 -3.22 3.07
CA GLU A 83 19.21 -3.73 1.93
C GLU A 83 17.80 -3.14 1.90
N ALA A 84 17.44 -2.50 0.78
CA ALA A 84 16.11 -1.89 0.62
C ALA A 84 15.08 -2.85 0.00
N LEU A 85 14.00 -3.12 0.76
CA LEU A 85 12.92 -3.98 0.27
C LEU A 85 11.61 -3.22 0.34
N ARG A 86 10.78 -3.36 -0.69
CA ARG A 86 9.48 -2.70 -0.70
C ARG A 86 8.41 -3.75 -0.75
N PHE A 87 7.58 -3.78 0.28
CA PHE A 87 6.55 -4.81 0.43
C PHE A 87 5.19 -4.39 -0.08
N PRO A 88 4.39 -5.33 -0.64
CA PRO A 88 3.02 -4.98 -1.05
C PRO A 88 2.09 -4.84 0.19
N PRO A 89 0.83 -4.40 -0.01
CA PRO A 89 -0.10 -4.21 1.12
C PRO A 89 -0.53 -5.49 1.84
N VAL A 90 -0.21 -6.64 1.26
CA VAL A 90 -0.57 -7.98 1.74
C VAL A 90 0.65 -8.85 2.02
N MET A 91 0.48 -9.84 2.88
CA MET A 91 1.54 -10.79 3.21
C MET A 91 0.88 -12.12 3.54
N SER A 92 1.71 -13.18 3.66
CA SER A 92 1.29 -14.55 4.00
C SER A 92 0.58 -14.56 5.35
N ARG A 93 -0.61 -15.19 5.40
CA ARG A 93 -1.36 -15.31 6.67
C ARG A 93 -0.63 -16.24 7.64
N ALA A 94 -0.07 -17.34 7.14
CA ALA A 94 0.65 -18.33 7.95
C ALA A 94 1.90 -17.68 8.60
N GLN A 95 2.67 -16.86 7.84
CA GLN A 95 3.83 -16.11 8.37
C GLN A 95 3.42 -15.16 9.46
N LEU A 96 2.27 -14.46 9.31
CA LEU A 96 1.83 -13.56 10.33
C LEU A 96 1.33 -14.30 11.58
N GLU A 97 0.60 -15.42 11.39
CA GLU A 97 0.13 -16.31 12.47
C GLU A 97 1.34 -16.80 13.24
N LYS A 98 2.40 -17.26 12.50
CA LYS A 98 3.65 -17.75 13.06
C LYS A 98 4.38 -16.69 13.87
N SER A 99 4.32 -15.41 13.45
CA SER A 99 5.00 -14.30 14.16
C SER A 99 4.38 -13.87 15.53
N GLY A 100 3.23 -14.46 15.89
CA GLY A 100 2.56 -14.21 17.15
C GLY A 100 1.66 -13.00 17.20
N TYR A 101 1.29 -12.43 16.03
CA TYR A 101 0.44 -11.22 15.93
C TYR A 101 -0.97 -11.45 16.43
N LEU A 102 -1.52 -12.66 16.21
CA LEU A 102 -2.88 -13.02 16.64
C LEU A 102 -2.97 -13.00 18.16
N LYS A 103 -1.90 -13.42 18.82
CA LYS A 103 -1.89 -13.39 20.27
C LYS A 103 -1.87 -11.96 20.78
N SER A 104 -1.13 -11.05 20.12
CA SER A 104 -0.98 -9.67 20.56
C SER A 104 -2.11 -8.70 20.19
N PHE A 105 -2.45 -8.57 18.88
CA PHE A 105 -3.48 -7.64 18.42
C PHE A 105 -4.46 -8.35 17.48
N PRO A 106 -5.22 -9.37 17.99
CA PRO A 106 -6.18 -10.05 17.10
C PRO A 106 -7.28 -9.12 16.56
N ASN A 107 -7.64 -8.09 17.35
CA ASN A 107 -8.69 -7.10 17.03
C ASN A 107 -8.31 -6.12 15.91
N LEU A 108 -7.01 -5.95 15.61
CA LEU A 108 -6.52 -5.00 14.59
C LEU A 108 -6.32 -5.65 13.23
N LEU A 109 -6.15 -6.96 13.21
CA LEU A 109 -5.88 -7.71 12.00
C LEU A 109 -6.96 -7.64 10.93
N GLY A 110 -6.51 -7.29 9.72
CA GLY A 110 -7.30 -7.31 8.49
C GLY A 110 -6.92 -8.55 7.71
N CYS A 111 -7.82 -9.54 7.62
CA CYS A 111 -7.61 -10.80 6.86
C CYS A 111 -8.26 -10.67 5.49
N VAL A 112 -7.62 -11.22 4.43
CA VAL A 112 -8.17 -11.17 3.07
C VAL A 112 -9.21 -12.28 2.98
N CYS A 113 -10.37 -11.96 2.41
N CYS A 113 -10.40 -11.95 2.46
CA CYS A 113 -11.49 -12.87 2.20
CA CYS A 113 -11.51 -12.90 2.27
C CYS A 113 -11.89 -12.83 0.76
C CYS A 113 -12.05 -12.79 0.85
N GLY A 114 -12.51 -13.92 0.32
CA GLY A 114 -13.05 -14.02 -1.02
C GLY A 114 -13.99 -15.18 -1.15
N LEU A 115 -14.57 -15.30 -2.34
CA LEU A 115 -15.49 -16.37 -2.76
C LEU A 115 -14.61 -17.45 -3.39
N HIS A 116 -14.21 -18.46 -2.61
CA HIS A 116 -13.33 -19.52 -3.11
C HIS A 116 -14.11 -20.81 -3.43
N GLY A 117 -15.43 -20.71 -3.42
CA GLY A 117 -16.29 -21.86 -3.67
C GLY A 117 -16.37 -22.33 -5.11
N THR A 118 -17.40 -23.16 -5.38
CA THR A 118 -17.73 -23.71 -6.70
C THR A 118 -18.39 -22.61 -7.57
N GLU A 119 -18.35 -22.76 -8.90
CA GLU A 119 -18.99 -21.82 -9.81
C GLU A 119 -20.48 -21.64 -9.43
N ARG A 120 -21.15 -22.74 -9.05
CA ARG A 120 -22.54 -22.80 -8.59
C ARG A 120 -22.73 -21.90 -7.35
N GLU A 121 -21.84 -22.09 -6.33
CA GLU A 121 -21.80 -21.34 -5.07
C GLU A 121 -21.65 -19.83 -5.33
N ILE A 122 -20.67 -19.49 -6.17
CA ILE A 122 -20.32 -18.11 -6.52
C ILE A 122 -21.46 -17.46 -7.27
N ASN A 123 -22.06 -18.13 -8.25
CA ASN A 123 -23.18 -17.57 -9.01
C ASN A 123 -24.38 -17.31 -8.09
N ALA A 124 -24.65 -18.22 -7.13
CA ALA A 124 -25.73 -18.08 -6.16
C ALA A 124 -25.47 -16.85 -5.28
N ALA A 125 -24.22 -16.70 -4.75
CA ALA A 125 -23.80 -15.55 -3.93
C ALA A 125 -24.07 -14.21 -4.64
N VAL A 126 -23.70 -14.12 -5.94
CA VAL A 126 -23.91 -12.93 -6.79
C VAL A 126 -25.40 -12.71 -6.97
N SER A 127 -26.19 -13.78 -7.18
CA SER A 127 -27.65 -13.72 -7.36
C SER A 127 -28.37 -13.16 -6.13
N ARG A 128 -27.90 -13.54 -4.92
CA ARG A 128 -28.44 -13.02 -3.68
C ARG A 128 -28.18 -11.53 -3.59
N PHE A 129 -27.00 -11.07 -4.06
CA PHE A 129 -26.64 -9.66 -4.09
C PHE A 129 -27.51 -8.89 -5.10
N ASP A 130 -27.79 -9.47 -6.28
CA ASP A 130 -28.69 -8.87 -7.29
C ASP A 130 -30.10 -8.68 -6.72
N ALA A 131 -30.54 -9.67 -5.90
CA ALA A 131 -31.85 -9.68 -5.26
C ALA A 131 -31.89 -8.88 -3.93
N GLY A 132 -30.89 -8.02 -3.69
CA GLY A 132 -30.83 -7.19 -2.49
C GLY A 132 -30.42 -7.87 -1.20
N GLY A 133 -30.03 -9.16 -1.28
CA GLY A 133 -29.56 -9.98 -0.16
C GLY A 133 -28.08 -9.83 0.13
N ASP A 134 -27.56 -10.78 0.90
CA ASP A 134 -26.18 -10.75 1.37
C ASP A 134 -25.24 -11.81 0.76
N TRP A 135 -24.39 -11.37 -0.18
CA TRP A 135 -23.41 -12.23 -0.85
C TRP A 135 -22.28 -12.66 0.07
N THR A 136 -21.96 -11.83 1.11
CA THR A 136 -20.83 -12.03 2.06
C THR A 136 -20.85 -13.32 2.87
N THR A 137 -22.03 -13.99 3.00
CA THR A 137 -22.13 -15.26 3.75
C THR A 137 -21.29 -16.35 3.09
N SER A 138 -21.01 -16.18 1.78
CA SER A 138 -20.23 -17.11 0.98
C SER A 138 -18.70 -16.83 1.05
N LEU A 139 -18.29 -15.76 1.78
CA LEU A 139 -16.87 -15.41 1.93
C LEU A 139 -16.15 -16.42 2.81
N SER A 140 -14.91 -16.69 2.50
CA SER A 140 -14.07 -17.55 3.33
C SER A 140 -12.67 -16.93 3.36
N PRO A 141 -11.85 -17.16 4.41
CA PRO A 141 -10.52 -16.53 4.44
C PRO A 141 -9.59 -16.95 3.31
N ALA A 142 -8.72 -16.04 2.89
CA ALA A 142 -7.68 -16.36 1.91
C ALA A 142 -6.40 -16.78 2.70
N ASP A 143 -5.30 -17.03 2.00
CA ASP A 143 -4.01 -17.40 2.62
C ASP A 143 -3.18 -16.09 2.85
N LEU A 144 -3.86 -14.93 2.71
CA LEU A 144 -3.26 -13.60 2.84
C LEU A 144 -3.95 -12.76 3.88
N VAL A 145 -3.16 -11.86 4.46
CA VAL A 145 -3.62 -10.83 5.40
C VAL A 145 -3.09 -9.48 4.87
N LEU A 146 -3.71 -8.39 5.29
CA LEU A 146 -3.23 -7.03 5.04
C LEU A 146 -2.18 -6.86 6.14
N SER A 147 -0.98 -6.46 5.75
N SER A 147 -0.96 -6.47 5.73
CA SER A 147 0.17 -6.32 6.63
CA SER A 147 0.21 -6.30 6.62
C SER A 147 -0.05 -5.29 7.74
C SER A 147 -0.05 -5.29 7.74
N PRO A 148 0.10 -5.68 9.03
CA PRO A 148 -0.16 -4.72 10.12
C PRO A 148 1.07 -3.91 10.55
N ALA A 149 2.23 -4.33 10.07
CA ALA A 149 3.55 -3.70 10.31
C ALA A 149 4.42 -4.07 9.13
N ALA A 150 5.24 -3.13 8.67
CA ALA A 150 6.11 -3.30 7.50
C ALA A 150 7.22 -4.36 7.65
N CYS A 151 7.73 -4.61 8.85
CA CYS A 151 8.88 -5.53 9.03
C CYS A 151 8.56 -7.04 9.01
N TYR A 152 7.33 -7.45 9.38
CA TYR A 152 6.98 -8.89 9.42
C TYR A 152 7.52 -9.75 8.32
N PRO A 153 7.32 -9.34 7.05
CA PRO A 153 7.86 -10.17 5.97
C PRO A 153 9.38 -10.31 5.91
N VAL A 154 10.22 -9.40 6.51
CA VAL A 154 11.70 -9.56 6.39
C VAL A 154 12.29 -10.74 7.08
N TYR A 155 11.71 -11.12 8.23
CA TYR A 155 12.33 -12.18 9.05
C TYR A 155 12.49 -13.49 8.35
N PRO A 156 11.37 -14.02 7.80
CA PRO A 156 11.47 -15.22 6.95
C PRO A 156 12.49 -15.10 5.78
N ILE A 157 12.60 -13.88 5.18
CA ILE A 157 13.49 -13.61 4.05
C ILE A 157 14.94 -13.69 4.53
N ALA A 158 15.20 -13.13 5.73
CA ALA A 158 16.54 -13.18 6.30
C ALA A 158 16.91 -14.63 6.74
N ALA A 159 15.95 -15.38 7.33
CA ALA A 159 16.11 -16.77 7.79
C ALA A 159 16.56 -17.71 6.65
N SER A 160 16.03 -17.49 5.44
CA SER A 160 16.29 -18.26 4.21
C SER A 160 17.72 -18.12 3.69
N ARG A 161 18.48 -17.14 4.21
CA ARG A 161 19.85 -16.86 3.78
C ARG A 161 20.95 -17.59 4.58
N GLY A 162 20.53 -18.32 5.59
CA GLY A 162 21.45 -19.08 6.42
C GLY A 162 21.90 -18.28 7.62
N PRO A 163 23.09 -18.61 8.19
CA PRO A 163 23.56 -17.87 9.38
C PRO A 163 23.94 -16.45 9.01
N LEU A 164 23.76 -15.54 9.96
CA LEU A 164 24.05 -14.12 9.75
C LEU A 164 25.54 -13.89 9.77
N PRO A 165 26.05 -12.92 8.97
CA PRO A 165 27.48 -12.58 9.09
C PRO A 165 27.71 -11.81 10.40
N LYS A 166 29.00 -11.59 10.77
CA LYS A 166 29.37 -10.80 11.94
C LYS A 166 28.95 -9.37 11.61
N GLY A 167 28.32 -8.70 12.56
CA GLY A 167 27.76 -7.37 12.37
C GLY A 167 26.26 -7.40 12.09
N GLY A 168 25.80 -8.58 11.64
CA GLY A 168 24.39 -8.89 11.38
C GLY A 168 23.92 -8.39 10.04
N LEU A 169 22.58 -8.24 9.89
CA LEU A 169 21.94 -7.73 8.67
C LEU A 169 21.10 -6.47 8.93
N ARG A 170 21.13 -5.54 7.97
CA ARG A 170 20.37 -4.28 7.99
C ARG A 170 19.40 -4.22 6.83
N PHE A 171 18.13 -3.95 7.10
CA PHE A 171 17.13 -3.80 6.05
C PHE A 171 16.43 -2.45 6.15
N ASP A 172 15.99 -1.93 5.01
CA ASP A 172 15.19 -0.73 4.89
C ASP A 172 13.90 -1.24 4.24
N VAL A 173 12.83 -1.28 5.03
CA VAL A 173 11.56 -1.80 4.54
C VAL A 173 10.46 -0.75 4.55
N ALA A 174 9.45 -0.95 3.72
CA ALA A 174 8.29 -0.04 3.65
C ALA A 174 7.09 -0.82 3.17
N ALA A 175 5.92 -0.43 3.66
CA ALA A 175 4.65 -1.05 3.28
C ALA A 175 3.50 -0.13 3.66
N ASP A 176 2.38 -0.33 2.95
CA ASP A 176 1.09 0.25 3.24
C ASP A 176 0.48 -0.74 4.20
N CYS A 177 0.38 -0.31 5.44
CA CYS A 177 -0.15 -1.14 6.51
C CYS A 177 -1.61 -0.95 6.77
N PHE A 178 -2.20 -1.96 7.44
CA PHE A 178 -3.59 -1.96 7.82
C PHE A 178 -3.75 -2.39 9.28
N ARG A 179 -4.52 -1.60 10.05
CA ARG A 179 -4.89 -1.91 11.43
C ARG A 179 -6.36 -1.50 11.58
N ARG A 180 -7.24 -2.46 11.95
N ARG A 180 -7.22 -2.46 11.93
CA ARG A 180 -8.68 -2.29 12.12
CA ARG A 180 -8.66 -2.26 12.08
C ARG A 180 -9.04 -1.37 13.29
C ARG A 180 -9.00 -1.39 13.29
N GLU A 181 -8.71 -0.08 13.16
CA GLU A 181 -8.98 0.91 14.18
C GLU A 181 -9.67 2.15 13.60
N PRO A 182 -10.96 2.01 13.19
CA PRO A 182 -11.67 3.18 12.62
C PRO A 182 -11.75 4.34 13.61
N SER A 183 -11.45 5.55 13.12
CA SER A 183 -11.44 6.78 13.91
C SER A 183 -11.67 7.97 12.97
N LYS A 184 -12.18 9.07 13.49
CA LYS A 184 -12.36 10.28 12.71
C LYS A 184 -11.13 11.18 12.83
N HIS A 185 -10.19 10.82 13.68
CA HIS A 185 -8.96 11.58 13.86
C HIS A 185 -7.97 11.37 12.74
N LEU A 186 -7.40 12.48 12.20
CA LEU A 186 -6.42 12.43 11.10
C LEU A 186 -5.12 11.72 11.45
N ASP A 187 -4.83 11.53 12.73
CA ASP A 187 -3.61 10.81 13.14
C ASP A 187 -3.85 9.32 13.51
N ARG A 188 -5.09 8.85 13.36
CA ARG A 188 -5.43 7.46 13.57
C ARG A 188 -6.12 6.96 12.29
N LEU A 189 -5.33 6.32 11.43
CA LEU A 189 -5.83 5.77 10.19
C LEU A 189 -5.95 4.26 10.23
N GLN A 190 -6.72 3.69 9.26
CA GLN A 190 -6.85 2.24 9.09
C GLN A 190 -5.85 1.76 8.06
N SER A 191 -5.61 2.56 7.03
CA SER A 191 -4.63 2.30 6.00
C SER A 191 -3.60 3.43 6.07
N PHE A 192 -2.32 3.09 6.32
CA PHE A 192 -1.25 4.07 6.51
C PHE A 192 0.09 3.48 6.11
N ARG A 193 1.03 4.32 5.64
CA ARG A 193 2.36 3.93 5.22
C ARG A 193 3.37 3.86 6.38
N MET A 194 4.14 2.80 6.43
CA MET A 194 5.15 2.63 7.47
C MET A 194 6.48 2.38 6.79
N ARG A 195 7.50 3.17 7.17
CA ARG A 195 8.88 3.01 6.71
C ARG A 195 9.67 2.52 7.91
N GLU A 196 10.54 1.53 7.71
CA GLU A 196 11.35 1.04 8.83
C GLU A 196 12.75 0.63 8.44
N TYR A 197 13.69 0.81 9.40
CA TYR A 197 15.05 0.30 9.35
C TYR A 197 15.07 -0.85 10.37
N VAL A 198 15.51 -2.02 9.93
CA VAL A 198 15.50 -3.25 10.73
C VAL A 198 16.90 -3.78 10.95
N CYS A 199 17.21 -4.14 12.19
CA CYS A 199 18.47 -4.76 12.55
C CYS A 199 18.25 -6.21 12.97
N ILE A 200 19.05 -7.13 12.38
CA ILE A 200 19.00 -8.55 12.72
C ILE A 200 20.43 -8.97 13.04
N GLY A 201 20.67 -9.40 14.27
CA GLY A 201 21.99 -9.85 14.71
C GLY A 201 22.09 -10.22 16.16
N THR A 202 23.24 -9.94 16.71
CA THR A 202 23.65 -10.16 18.09
C THR A 202 22.88 -9.16 19.02
N PRO A 203 22.67 -9.39 20.33
CA PRO A 203 22.00 -8.36 21.15
C PRO A 203 22.76 -7.03 21.13
N ASP A 204 24.10 -7.05 20.92
CA ASP A 204 24.97 -5.88 20.84
C ASP A 204 24.70 -5.08 19.58
N ASP A 205 24.62 -5.78 18.42
CA ASP A 205 24.30 -5.21 17.11
C ASP A 205 22.97 -4.44 17.16
N VAL A 206 21.94 -5.11 17.70
CA VAL A 206 20.60 -4.53 17.84
C VAL A 206 20.61 -3.32 18.77
N SER A 207 21.27 -3.45 19.93
CA SER A 207 21.38 -2.40 20.94
C SER A 207 22.09 -1.15 20.39
N ASP A 208 23.25 -1.32 19.72
CA ASP A 208 24.02 -0.22 19.11
C ASP A 208 23.14 0.51 18.13
N PHE A 209 22.48 -0.27 17.21
CA PHE A 209 21.58 0.21 16.17
C PHE A 209 20.47 1.05 16.78
N ARG A 210 19.85 0.53 17.84
CA ARG A 210 18.73 1.20 18.51
C ARG A 210 19.17 2.48 19.19
N GLU A 211 20.43 2.55 19.68
CA GLU A 211 20.94 3.77 20.29
C GLU A 211 21.25 4.77 19.18
N ARG A 212 21.97 4.34 18.11
CA ARG A 212 22.29 5.18 16.96
C ARG A 212 21.02 5.83 16.38
N TRP A 213 19.94 5.01 16.23
CA TRP A 213 18.67 5.48 15.70
C TRP A 213 17.88 6.39 16.58
N MET A 214 17.95 6.22 17.89
CA MET A 214 17.28 7.10 18.82
C MET A 214 17.86 8.53 18.80
N VAL A 215 19.14 8.64 18.44
CA VAL A 215 19.83 9.91 18.29
C VAL A 215 19.44 10.54 16.94
N ARG A 216 19.61 9.80 15.84
CA ARG A 216 19.30 10.24 14.48
C ARG A 216 17.85 10.66 14.31
N ALA A 217 16.89 9.85 14.83
CA ALA A 217 15.46 10.12 14.73
C ALA A 217 15.12 11.47 15.37
N GLN A 218 15.77 11.79 16.49
CA GLN A 218 15.60 13.06 17.19
C GLN A 218 16.17 14.23 16.37
N ALA A 219 17.34 14.03 15.73
CA ALA A 219 17.97 15.03 14.86
C ALA A 219 17.08 15.31 13.62
N ILE A 220 16.43 14.28 13.05
CA ILE A 220 15.50 14.40 11.92
C ILE A 220 14.25 15.22 12.35
N ALA A 221 13.59 14.86 13.47
CA ALA A 221 12.42 15.59 13.96
C ALA A 221 12.74 17.08 14.29
N ARG A 222 13.96 17.34 14.78
CA ARG A 222 14.49 18.68 15.09
C ARG A 222 14.68 19.47 13.78
N ASP A 223 15.39 18.87 12.82
CA ASP A 223 15.60 19.44 11.49
C ASP A 223 14.29 19.80 10.79
N LEU A 224 13.23 18.98 10.98
CA LEU A 224 11.89 19.19 10.40
C LEU A 224 11.05 20.25 11.14
N GLY A 225 11.63 20.84 12.21
CA GLY A 225 11.00 21.89 13.01
C GLY A 225 9.86 21.39 13.86
N LEU A 226 9.91 20.08 14.24
CA LEU A 226 8.85 19.47 15.04
C LEU A 226 9.15 19.48 16.54
N THR A 227 8.10 19.64 17.36
CA THR A 227 8.21 19.58 18.81
C THR A 227 7.92 18.16 19.23
N PHE A 228 8.79 17.56 20.04
CA PHE A 228 8.60 16.17 20.45
C PHE A 228 9.21 15.87 21.80
N ARG A 229 9.05 14.62 22.25
CA ARG A 229 9.67 14.03 23.41
C ARG A 229 9.74 12.53 23.16
N VAL A 230 10.84 11.91 23.57
CA VAL A 230 11.04 10.47 23.48
C VAL A 230 10.69 9.91 24.84
N ASP A 231 9.84 8.89 24.91
CA ASP A 231 9.47 8.30 26.18
C ASP A 231 9.38 6.80 25.98
N TYR A 232 9.50 6.06 27.11
CA TYR A 232 9.32 4.61 27.23
C TYR A 232 7.83 4.40 26.86
N ALA A 233 7.53 3.26 26.23
CA ALA A 233 6.19 2.97 25.74
C ALA A 233 5.91 1.49 25.68
N SER A 234 4.66 1.17 25.36
CA SER A 234 4.18 -0.19 25.17
C SER A 234 3.28 -0.30 23.91
N ASP A 235 3.20 -1.52 23.36
CA ASP A 235 2.34 -1.81 22.24
C ASP A 235 0.90 -1.95 22.76
N PRO A 236 -0.15 -1.58 21.97
CA PRO A 236 -1.53 -1.70 22.47
C PRO A 236 -2.05 -3.15 22.45
N PHE A 237 -1.47 -4.02 23.33
CA PHE A 237 -1.83 -5.45 23.40
C PHE A 237 -3.27 -5.65 23.79
N PHE A 238 -3.96 -6.52 23.01
CA PHE A 238 -5.36 -6.81 23.21
C PHE A 238 -5.68 -7.62 24.48
N GLY A 239 -6.78 -7.25 25.13
CA GLY A 239 -7.36 -7.92 26.29
C GLY A 239 -6.70 -7.79 27.65
N ARG A 240 -7.17 -8.65 28.58
CA ARG A 240 -6.73 -8.75 29.98
C ARG A 240 -5.22 -9.01 30.04
N VAL A 241 -4.75 -10.04 29.30
CA VAL A 241 -3.33 -10.44 29.18
C VAL A 241 -2.50 -9.30 28.55
N GLY A 242 -3.12 -8.59 27.61
CA GLY A 242 -2.53 -7.45 26.93
C GLY A 242 -2.02 -6.39 27.89
N GLN A 243 -2.74 -6.16 29.00
CA GLN A 243 -2.39 -5.20 30.04
C GLN A 243 -1.09 -5.60 30.73
N MET A 244 -0.96 -6.91 31.06
CA MET A 244 0.22 -7.52 31.69
C MET A 244 1.40 -7.47 30.76
N LYS A 245 1.16 -7.76 29.47
CA LYS A 245 2.14 -7.74 28.38
C LYS A 245 2.68 -6.31 28.16
N ALA A 246 1.78 -5.29 28.20
CA ALA A 246 2.12 -3.87 28.03
C ALA A 246 3.05 -3.40 29.15
N VAL A 247 2.65 -3.69 30.41
CA VAL A 247 3.35 -3.40 31.67
C VAL A 247 4.73 -4.04 31.71
N SER A 248 4.86 -5.30 31.28
N SER A 248 4.85 -5.30 31.27
CA SER A 248 6.12 -6.03 31.23
CA SER A 248 6.13 -6.01 31.23
C SER A 248 7.07 -5.38 30.18
C SER A 248 7.07 -5.38 30.18
N GLN A 249 6.54 -5.09 28.98
CA GLN A 249 7.28 -4.45 27.87
C GLN A 249 7.76 -3.03 28.26
N LYS A 250 6.88 -2.28 28.94
CA LYS A 250 7.07 -0.93 29.48
C LYS A 250 8.32 -0.87 30.40
N GLN A 251 8.41 -1.81 31.37
CA GLN A 251 9.50 -1.90 32.35
C GLN A 251 10.79 -2.51 31.77
N GLN A 252 10.68 -3.44 30.80
CA GLN A 252 11.83 -4.04 30.13
C GLN A 252 12.46 -3.07 29.12
N GLN A 253 11.78 -1.92 28.85
CA GLN A 253 12.20 -0.85 27.93
C GLN A 253 12.47 -1.39 26.50
N LEU A 254 11.60 -2.29 26.04
CA LEU A 254 11.65 -2.89 24.72
C LEU A 254 11.09 -1.95 23.66
N LYS A 255 10.41 -0.84 24.08
CA LYS A 255 9.79 0.11 23.18
C LYS A 255 9.88 1.59 23.58
N PHE A 256 10.49 2.42 22.71
CA PHE A 256 10.52 3.86 22.88
C PHE A 256 9.70 4.45 21.74
N GLU A 257 9.17 5.66 21.95
CA GLU A 257 8.36 6.38 20.98
C GLU A 257 8.79 7.83 20.97
N LEU A 258 8.73 8.46 19.79
CA LEU A 258 9.00 9.88 19.64
C LEU A 258 7.62 10.44 19.50
N LEU A 259 7.17 11.16 20.52
CA LEU A 259 5.82 11.69 20.59
C LEU A 259 5.75 13.16 20.23
N ILE A 260 4.79 13.50 19.37
CA ILE A 260 4.55 14.86 18.88
C ILE A 260 3.13 15.29 19.26
N PRO A 261 2.94 16.45 19.93
CA PRO A 261 1.57 16.91 20.25
C PRO A 261 0.83 17.33 18.97
N LEU A 262 -0.25 16.62 18.66
CA LEU A 262 -1.08 16.87 17.49
C LEU A 262 -2.45 17.40 17.90
N ARG A 263 -3.15 16.75 18.85
CA ARG A 263 -4.45 17.26 19.32
C ARG A 263 -4.35 17.92 20.70
N SER A 264 -3.34 17.51 21.48
CA SER A 264 -3.07 18.04 22.80
C SER A 264 -1.60 17.79 23.18
N GLU A 265 -1.06 18.61 24.09
CA GLU A 265 0.30 18.43 24.61
C GLU A 265 0.27 17.31 25.66
N GLU A 266 -0.93 17.08 26.25
CA GLU A 266 -1.22 16.08 27.28
C GLU A 266 -1.16 14.69 26.69
N GLN A 267 -1.83 14.49 25.52
CA GLN A 267 -1.85 13.22 24.80
C GLN A 267 -1.14 13.38 23.44
N PRO A 268 0.22 13.33 23.39
CA PRO A 268 0.90 13.49 22.09
C PRO A 268 0.76 12.23 21.24
N THR A 269 1.10 12.32 19.94
CA THR A 269 0.97 11.21 19.00
C THR A 269 2.32 10.55 18.71
N ALA A 270 2.38 9.21 18.76
CA ALA A 270 3.58 8.44 18.45
C ALA A 270 3.79 8.46 16.93
N CYS A 271 4.80 9.21 16.47
CA CYS A 271 5.14 9.38 15.04
C CYS A 271 6.31 8.52 14.63
N MET A 272 7.11 8.03 15.63
CA MET A 272 8.25 7.13 15.43
C MET A 272 8.31 6.17 16.62
N SER A 273 8.82 4.94 16.40
CA SER A 273 8.95 3.85 17.37
C SER A 273 10.34 3.24 17.26
N PHE A 274 10.89 2.83 18.42
CA PHE A 274 12.20 2.17 18.53
C PHE A 274 11.91 0.91 19.33
N ASN A 275 11.82 -0.21 18.61
CA ASN A 275 11.43 -1.50 19.13
C ASN A 275 12.54 -2.51 19.16
N TYR A 276 12.72 -3.17 20.31
CA TYR A 276 13.70 -4.24 20.52
C TYR A 276 12.90 -5.50 20.79
N HIS A 277 12.95 -6.47 19.86
CA HIS A 277 12.19 -7.72 19.90
C HIS A 277 12.89 -8.85 20.66
N ARG A 278 14.14 -8.60 21.15
CA ARG A 278 14.96 -9.60 21.79
C ARG A 278 15.14 -10.74 20.76
N GLU A 279 14.97 -12.03 21.13
CA GLU A 279 15.20 -13.14 20.19
C GLU A 279 13.92 -13.72 19.61
N HIS A 280 12.78 -13.04 19.85
CA HIS A 280 11.45 -13.48 19.41
C HIS A 280 11.42 -13.96 17.97
N PHE A 281 11.82 -13.09 17.02
CA PHE A 281 11.82 -13.45 15.59
C PHE A 281 12.96 -14.42 15.20
N GLY A 282 14.07 -14.36 15.95
CA GLY A 282 15.22 -15.24 15.77
C GLY A 282 14.84 -16.69 16.04
N THR A 283 14.12 -16.90 17.15
CA THR A 283 13.59 -18.18 17.59
C THR A 283 12.47 -18.64 16.64
N THR A 284 11.46 -17.77 16.38
CA THR A 284 10.33 -18.07 15.50
C THR A 284 10.76 -18.54 14.11
N TRP A 285 11.74 -17.85 13.50
CA TRP A 285 12.18 -18.13 12.15
C TRP A 285 13.48 -18.91 12.03
N GLY A 286 14.07 -19.22 13.19
CA GLY A 286 15.33 -19.95 13.25
C GLY A 286 16.48 -19.15 12.67
N ILE A 287 16.55 -17.84 13.00
CA ILE A 287 17.64 -16.99 12.53
C ILE A 287 18.76 -17.16 13.54
N GLN A 288 19.93 -17.53 13.03
CA GLN A 288 21.13 -17.78 13.81
C GLN A 288 22.19 -16.70 13.62
N ASP A 289 22.77 -16.30 14.77
CA ASP A 289 23.89 -15.36 14.94
C ASP A 289 25.12 -15.82 14.20
N ALA A 290 26.14 -14.93 14.14
CA ALA A 290 27.46 -15.26 13.61
C ALA A 290 28.05 -16.28 14.62
N ASN A 291 27.64 -16.15 15.91
CA ASN A 291 28.03 -17.06 16.96
C ASN A 291 27.03 -18.25 17.25
N GLY A 292 26.18 -18.59 16.25
CA GLY A 292 25.20 -19.68 16.25
C GLY A 292 24.08 -19.66 17.27
N GLU A 293 23.82 -18.49 17.87
CA GLU A 293 22.79 -18.25 18.88
C GLU A 293 21.46 -17.73 18.21
N PRO A 294 20.23 -17.89 18.80
CA PRO A 294 19.03 -17.30 18.15
C PRO A 294 19.21 -15.78 18.06
N ALA A 295 19.07 -15.25 16.83
CA ALA A 295 19.30 -13.83 16.55
C ALA A 295 18.35 -12.89 17.25
N HIS A 296 18.88 -11.74 17.59
CA HIS A 296 18.11 -10.67 18.18
C HIS A 296 17.71 -9.70 17.07
N THR A 297 16.52 -9.08 17.20
CA THR A 297 16.01 -8.13 16.21
C THR A 297 15.47 -6.85 16.87
N GLY A 298 15.56 -5.78 16.09
CA GLY A 298 15.06 -4.46 16.46
C GLY A 298 14.72 -3.67 15.23
N CYS A 299 13.81 -2.70 15.37
CA CYS A 299 13.44 -1.86 14.24
C CYS A 299 13.06 -0.48 14.67
N VAL A 300 13.40 0.50 13.82
CA VAL A 300 13.00 1.90 13.97
C VAL A 300 11.88 2.14 12.94
N ALA A 301 10.68 2.46 13.41
CA ALA A 301 9.52 2.69 12.54
C ALA A 301 9.22 4.18 12.43
N PHE A 302 8.93 4.62 11.20
CA PHE A 302 8.52 5.96 10.85
C PHE A 302 7.10 5.87 10.29
N GLY A 303 6.19 6.56 10.96
CA GLY A 303 4.79 6.69 10.53
C GLY A 303 4.72 7.83 9.53
N MET A 304 4.81 7.50 8.25
CA MET A 304 4.78 8.44 7.12
C MET A 304 3.58 9.38 7.09
N ASP A 305 2.39 8.84 7.37
CA ASP A 305 1.18 9.63 7.41
C ASP A 305 1.12 10.51 8.63
N ARG A 306 1.57 9.99 9.79
CA ARG A 306 1.64 10.76 11.04
C ARG A 306 2.66 11.89 10.98
N LEU A 307 3.83 11.64 10.35
CA LEU A 307 4.88 12.64 10.17
C LEU A 307 4.43 13.71 9.15
N ALA A 308 3.71 13.30 8.08
CA ALA A 308 3.20 14.26 7.10
C ALA A 308 2.15 15.19 7.79
N VAL A 309 1.18 14.59 8.59
CA VAL A 309 0.14 15.35 9.34
C VAL A 309 0.82 16.28 10.36
N ALA A 310 1.87 15.79 11.08
CA ALA A 310 2.66 16.58 12.02
C ALA A 310 3.28 17.82 11.35
N MET A 311 3.84 17.67 10.12
CA MET A 311 4.42 18.75 9.32
C MET A 311 3.38 19.83 9.01
N PHE A 312 2.20 19.42 8.50
CA PHE A 312 1.12 20.35 8.14
C PHE A 312 0.50 21.03 9.34
N HIS A 313 0.38 20.31 10.47
CA HIS A 313 -0.15 20.84 11.71
C HIS A 313 0.79 21.92 12.25
N THR A 314 2.10 21.64 12.23
CA THR A 314 3.15 22.50 12.76
C THR A 314 3.43 23.70 11.86
N HIS A 315 3.54 23.46 10.53
CA HIS A 315 3.97 24.49 9.58
C HIS A 315 2.89 25.06 8.66
N GLY A 316 1.69 24.45 8.66
CA GLY A 316 0.58 24.90 7.83
C GLY A 316 0.58 24.30 6.45
N THR A 317 -0.50 24.59 5.68
CA THR A 317 -0.68 24.03 4.34
C THR A 317 -0.03 24.82 3.21
N ASP A 318 0.59 25.95 3.53
CA ASP A 318 1.27 26.80 2.54
C ASP A 318 2.77 26.50 2.59
N LEU A 319 3.26 25.74 1.62
CA LEU A 319 4.67 25.35 1.59
C LEU A 319 5.65 26.51 1.48
N SER A 320 5.26 27.58 0.76
CA SER A 320 6.13 28.77 0.56
C SER A 320 6.44 29.52 1.86
N ALA A 321 5.60 29.31 2.90
CA ALA A 321 5.75 29.90 4.22
C ALA A 321 6.48 28.98 5.19
N TRP A 322 6.90 27.76 4.76
CA TRP A 322 7.59 26.84 5.67
C TRP A 322 8.99 27.37 5.99
N PRO A 323 9.55 27.14 7.21
CA PRO A 323 10.89 27.66 7.50
C PRO A 323 11.90 27.20 6.46
N ALA A 324 12.83 28.10 6.09
CA ALA A 324 13.86 27.90 5.09
C ALA A 324 14.73 26.67 5.34
N LYS A 325 15.08 26.40 6.62
CA LYS A 325 15.89 25.23 7.02
C LYS A 325 15.12 23.95 6.69
N VAL A 326 13.81 23.94 7.04
CA VAL A 326 12.88 22.84 6.81
C VAL A 326 12.69 22.65 5.31
N ARG A 327 12.41 23.74 4.58
CA ARG A 327 12.26 23.68 3.13
C ARG A 327 13.55 23.14 2.49
N ASP A 328 14.73 23.58 2.98
CA ASP A 328 16.01 23.14 2.45
C ASP A 328 16.24 21.64 2.62
N ILE A 329 16.05 21.11 3.86
CA ILE A 329 16.24 19.67 4.08
C ILE A 329 15.27 18.76 3.29
N LEU A 330 14.08 19.27 2.93
CA LEU A 330 13.05 18.55 2.16
C LEU A 330 13.20 18.74 0.64
N GLY A 331 14.30 19.38 0.25
CA GLY A 331 14.61 19.61 -1.15
C GLY A 331 13.82 20.68 -1.86
N LEU A 332 13.06 21.51 -1.13
CA LEU A 332 12.38 22.65 -1.74
C LEU A 332 13.46 23.79 -1.97
N GLN A 333 13.13 24.84 -2.78
CA GLN A 333 13.99 26.01 -3.10
C GLN A 333 14.95 25.74 -4.26
N ASP B 38 9.83 -20.43 -18.23
CA ASP B 38 9.26 -19.15 -18.63
C ASP B 38 10.40 -18.11 -18.84
N PRO B 39 10.33 -17.31 -19.95
CA PRO B 39 11.41 -16.32 -20.21
C PRO B 39 11.62 -15.21 -19.17
N LEU B 40 10.63 -15.00 -18.29
CA LEU B 40 10.70 -13.96 -17.26
C LEU B 40 11.31 -14.45 -15.97
N ASP B 41 11.20 -15.78 -15.72
CA ASP B 41 11.67 -16.40 -14.48
C ASP B 41 13.00 -15.96 -13.93
N HIS B 42 14.06 -15.94 -14.74
CA HIS B 42 15.39 -15.55 -14.23
C HIS B 42 15.46 -14.10 -13.75
N LEU B 43 14.53 -13.21 -14.25
CA LEU B 43 14.46 -11.79 -13.86
C LEU B 43 14.25 -11.66 -12.35
N ALA B 44 13.42 -12.57 -11.78
CA ALA B 44 13.06 -12.64 -10.35
C ALA B 44 14.23 -12.47 -9.38
N ASP B 45 15.41 -13.06 -9.68
CA ASP B 45 16.60 -12.99 -8.80
C ASP B 45 17.02 -11.58 -8.45
N LYS B 46 17.02 -10.72 -9.46
CA LYS B 46 17.42 -9.32 -9.32
C LYS B 46 16.25 -8.41 -9.02
N LEU B 47 15.01 -8.92 -9.24
CA LEU B 47 13.77 -8.12 -9.12
C LEU B 47 12.95 -8.29 -7.86
N PHE B 48 12.82 -9.53 -7.40
CA PHE B 48 11.91 -9.92 -6.32
C PHE B 48 12.49 -10.85 -5.28
N HIS B 49 11.78 -10.91 -4.15
CA HIS B 49 12.00 -11.86 -3.07
C HIS B 49 10.65 -12.49 -2.77
N SER B 50 10.64 -13.81 -2.59
CA SER B 50 9.45 -14.60 -2.26
C SER B 50 8.87 -14.14 -0.92
N MET B 51 7.54 -14.15 -0.86
CA MET B 51 6.81 -13.76 0.33
C MET B 51 5.86 -14.86 0.81
N GLY B 52 6.04 -16.06 0.25
CA GLY B 52 5.28 -17.26 0.58
C GLY B 52 3.90 -17.34 -0.05
N SER B 53 3.68 -16.58 -1.15
CA SER B 53 2.41 -16.54 -1.88
C SER B 53 2.68 -16.12 -3.32
N ASP B 54 2.16 -16.90 -4.28
CA ASP B 54 2.37 -16.66 -5.70
C ASP B 54 1.73 -15.34 -6.07
N GLY B 55 2.49 -14.51 -6.80
CA GLY B 55 2.02 -13.20 -7.25
C GLY B 55 2.04 -12.11 -6.20
N VAL B 56 2.70 -12.38 -5.04
CA VAL B 56 2.90 -11.46 -3.91
C VAL B 56 4.42 -11.49 -3.61
N TYR B 57 5.17 -10.48 -4.09
CA TYR B 57 6.64 -10.45 -3.92
C TYR B 57 7.12 -9.16 -3.33
N ALA B 58 8.29 -9.23 -2.68
CA ALA B 58 9.02 -8.09 -2.14
C ALA B 58 9.80 -7.52 -3.33
N ARG B 59 9.83 -6.19 -3.45
N ARG B 59 9.80 -6.19 -3.49
CA ARG B 59 10.53 -5.51 -4.53
CA ARG B 59 10.53 -5.56 -4.60
C ARG B 59 11.95 -5.15 -4.10
C ARG B 59 11.92 -5.15 -4.14
N THR B 60 12.96 -5.43 -4.96
CA THR B 60 14.38 -5.05 -4.68
C THR B 60 14.56 -3.54 -5.00
N ALA B 61 15.69 -2.96 -4.58
CA ALA B 61 15.97 -1.53 -4.85
C ALA B 61 16.03 -1.28 -6.34
N LEU B 62 16.60 -2.22 -7.11
CA LEU B 62 16.70 -2.14 -8.56
C LEU B 62 15.31 -1.99 -9.22
N TYR B 63 14.40 -2.95 -8.93
CA TYR B 63 13.03 -3.00 -9.44
C TYR B 63 12.26 -1.73 -9.12
N GLU B 64 12.29 -1.35 -7.85
CA GLU B 64 11.60 -0.17 -7.31
C GLU B 64 12.02 1.17 -7.94
N SER B 65 13.31 1.32 -8.28
CA SER B 65 13.79 2.58 -8.88
C SER B 65 13.22 2.72 -10.28
N ILE B 66 13.03 1.59 -10.95
CA ILE B 66 12.45 1.57 -12.29
C ILE B 66 10.96 1.87 -12.27
N VAL B 67 10.22 1.30 -11.28
CA VAL B 67 8.79 1.58 -11.11
C VAL B 67 8.61 3.09 -10.86
N GLU B 68 9.45 3.67 -10.00
CA GLU B 68 9.40 5.09 -9.65
C GLU B 68 9.66 6.03 -10.84
N ARG B 69 10.61 5.63 -11.70
CA ARG B 69 11.00 6.39 -12.89
C ARG B 69 9.97 6.29 -13.95
N LEU B 70 9.29 5.14 -14.03
CA LEU B 70 8.19 4.92 -14.97
C LEU B 70 7.00 5.76 -14.48
N ALA B 71 6.78 5.81 -13.16
CA ALA B 71 5.74 6.65 -12.55
C ALA B 71 5.96 8.14 -12.87
N ALA B 72 7.22 8.63 -12.70
CA ALA B 72 7.62 10.02 -12.98
C ALA B 72 7.43 10.35 -14.48
N LEU B 73 7.74 9.37 -15.36
CA LEU B 73 7.59 9.53 -16.81
C LEU B 73 6.13 9.72 -17.20
N ILE B 74 5.24 8.89 -16.64
CA ILE B 74 3.79 9.00 -16.86
C ILE B 74 3.31 10.37 -16.36
N THR B 75 3.79 10.84 -15.17
CA THR B 75 3.45 12.17 -14.64
C THR B 75 3.80 13.26 -15.64
N SER B 76 4.98 13.21 -16.28
CA SER B 76 5.42 14.22 -17.25
C SER B 76 4.45 14.38 -18.45
N HIS B 77 3.58 13.39 -18.70
CA HIS B 77 2.60 13.41 -19.78
C HIS B 77 1.21 13.82 -19.33
N ARG B 78 1.07 14.20 -18.07
CA ARG B 78 -0.19 14.63 -17.49
C ARG B 78 -0.67 15.95 -18.10
N GLU B 79 -1.86 15.93 -18.75
CA GLU B 79 -2.44 17.13 -19.34
C GLU B 79 -2.82 18.19 -18.32
N ALA B 80 -2.81 19.45 -18.73
CA ALA B 80 -3.13 20.57 -17.85
C ALA B 80 -4.56 20.39 -17.28
N GLY B 81 -4.76 20.88 -16.06
CA GLY B 81 -6.02 20.74 -15.33
C GLY B 81 -6.39 19.34 -14.87
N THR B 82 -5.39 18.44 -14.66
CA THR B 82 -5.66 17.06 -14.21
C THR B 82 -5.42 16.97 -12.69
N GLU B 83 -6.45 16.64 -11.92
CA GLU B 83 -6.33 16.55 -10.48
C GLU B 83 -5.69 15.20 -10.06
N ALA B 84 -4.60 15.25 -9.29
CA ALA B 84 -3.88 14.06 -8.86
C ALA B 84 -4.34 13.55 -7.50
N LEU B 85 -4.86 12.31 -7.49
CA LEU B 85 -5.31 11.67 -6.24
C LEU B 85 -4.57 10.35 -6.03
N ARG B 86 -4.16 10.08 -4.80
CA ARG B 86 -3.46 8.84 -4.50
C ARG B 86 -4.25 8.06 -3.53
N PHE B 87 -4.69 6.87 -3.94
CA PHE B 87 -5.57 6.03 -3.14
C PHE B 87 -4.86 4.99 -2.34
N PRO B 88 -5.37 4.64 -1.13
CA PRO B 88 -4.74 3.54 -0.36
C PRO B 88 -5.10 2.17 -0.97
N PRO B 89 -4.53 1.05 -0.45
CA PRO B 89 -4.83 -0.28 -1.02
C PRO B 89 -6.27 -0.78 -0.85
N VAL B 90 -7.06 -0.07 -0.03
CA VAL B 90 -8.43 -0.40 0.33
C VAL B 90 -9.40 0.67 -0.08
N MET B 91 -10.66 0.28 -0.27
CA MET B 91 -11.74 1.22 -0.63
C MET B 91 -13.02 0.70 -0.02
N SER B 92 -14.07 1.53 -0.05
CA SER B 92 -15.41 1.20 0.44
C SER B 92 -15.96 -0.04 -0.28
N ARG B 93 -16.48 -1.03 0.49
CA ARG B 93 -17.08 -2.23 -0.09
C ARG B 93 -18.40 -1.89 -0.80
N ALA B 94 -19.21 -1.04 -0.19
CA ALA B 94 -20.49 -0.63 -0.74
C ALA B 94 -20.30 0.10 -2.09
N GLN B 95 -19.29 1.01 -2.19
CA GLN B 95 -18.94 1.71 -3.44
C GLN B 95 -18.54 0.74 -4.53
N LEU B 96 -17.77 -0.31 -4.19
CA LEU B 96 -17.36 -1.31 -5.17
C LEU B 96 -18.52 -2.21 -5.61
N GLU B 97 -19.40 -2.58 -4.65
CA GLU B 97 -20.62 -3.35 -4.90
C GLU B 97 -21.45 -2.59 -5.92
N LYS B 98 -21.61 -1.26 -5.70
CA LYS B 98 -22.35 -0.36 -6.59
C LYS B 98 -21.69 -0.15 -7.97
N SER B 99 -20.38 -0.41 -8.07
N SER B 99 -20.37 -0.42 -8.09
CA SER B 99 -19.65 -0.24 -9.32
CA SER B 99 -19.62 -0.28 -9.36
C SER B 99 -19.82 -1.41 -10.30
C SER B 99 -19.97 -1.37 -10.35
N GLY B 100 -20.49 -2.49 -9.86
CA GLY B 100 -20.79 -3.65 -10.69
C GLY B 100 -19.68 -4.69 -10.80
N TYR B 101 -18.65 -4.56 -9.93
CA TYR B 101 -17.50 -5.45 -9.97
C TYR B 101 -17.80 -6.90 -9.53
N LEU B 102 -18.72 -7.07 -8.54
CA LEU B 102 -19.13 -8.36 -8.03
C LEU B 102 -19.82 -9.14 -9.11
N LYS B 103 -20.58 -8.45 -9.97
CA LYS B 103 -21.25 -9.12 -11.07
C LYS B 103 -20.23 -9.69 -12.08
N SER B 104 -19.18 -8.89 -12.39
CA SER B 104 -18.18 -9.22 -13.39
C SER B 104 -17.09 -10.20 -12.99
N PHE B 105 -16.42 -9.96 -11.85
CA PHE B 105 -15.30 -10.81 -11.41
C PHE B 105 -15.39 -11.10 -9.96
N PRO B 106 -16.49 -11.77 -9.52
CA PRO B 106 -16.64 -12.07 -8.09
C PRO B 106 -15.52 -12.91 -7.51
N ASN B 107 -14.92 -13.78 -8.31
CA ASN B 107 -13.80 -14.67 -7.97
C ASN B 107 -12.47 -13.93 -7.72
N LEU B 108 -12.31 -12.68 -8.26
CA LEU B 108 -11.06 -11.91 -8.12
C LEU B 108 -11.03 -11.01 -6.94
N LEU B 109 -12.21 -10.63 -6.46
CA LEU B 109 -12.36 -9.70 -5.33
C LEU B 109 -11.77 -10.16 -4.01
N GLY B 110 -10.93 -9.28 -3.45
CA GLY B 110 -10.35 -9.44 -2.13
C GLY B 110 -11.12 -8.55 -1.17
N CYS B 111 -11.83 -9.16 -0.24
N CYS B 111 -11.92 -9.14 -0.28
CA CYS B 111 -12.60 -8.45 0.76
CA CYS B 111 -12.68 -8.39 0.72
C CYS B 111 -11.80 -8.39 2.05
C CYS B 111 -11.83 -8.37 2.00
N VAL B 112 -12.03 -7.35 2.87
CA VAL B 112 -11.36 -7.21 4.16
C VAL B 112 -12.28 -7.88 5.20
N CYS B 113 -11.68 -8.70 6.05
N CYS B 113 -11.71 -8.76 6.03
CA CYS B 113 -12.33 -9.40 7.14
CA CYS B 113 -12.40 -9.45 7.11
C CYS B 113 -11.60 -9.09 8.42
C CYS B 113 -11.61 -9.27 8.41
N GLY B 114 -12.34 -9.17 9.51
CA GLY B 114 -11.78 -8.97 10.84
C GLY B 114 -12.63 -9.62 11.91
N LEU B 115 -12.09 -9.58 13.11
CA LEU B 115 -12.69 -10.08 14.32
C LEU B 115 -13.36 -8.86 14.93
N HIS B 116 -14.66 -8.68 14.64
CA HIS B 116 -15.41 -7.54 15.15
C HIS B 116 -16.27 -7.91 16.37
N GLY B 117 -16.06 -9.09 16.94
CA GLY B 117 -16.80 -9.53 18.11
C GLY B 117 -16.39 -8.87 19.43
N THR B 118 -16.83 -9.46 20.54
CA THR B 118 -16.52 -9.00 21.89
C THR B 118 -15.12 -9.47 22.26
N GLU B 119 -14.55 -8.95 23.35
CA GLU B 119 -13.21 -9.36 23.80
C GLU B 119 -13.19 -10.87 24.12
N ARG B 120 -14.30 -11.38 24.73
CA ARG B 120 -14.51 -12.78 25.09
C ARG B 120 -14.44 -13.67 23.82
N GLU B 121 -15.20 -13.29 22.78
CA GLU B 121 -15.26 -14.01 21.49
C GLU B 121 -13.91 -14.02 20.77
N ILE B 122 -13.18 -12.87 20.78
CA ILE B 122 -11.86 -12.71 20.16
C ILE B 122 -10.81 -13.56 20.90
N ASN B 123 -10.83 -13.53 22.25
CA ASN B 123 -9.90 -14.34 23.04
C ASN B 123 -10.14 -15.86 22.80
N ALA B 124 -11.44 -16.27 22.69
CA ALA B 124 -11.82 -17.64 22.39
C ALA B 124 -11.28 -18.03 21.00
N ALA B 125 -11.45 -17.16 19.96
CA ALA B 125 -10.96 -17.39 18.58
C ALA B 125 -9.46 -17.67 18.59
N VAL B 126 -8.67 -16.86 19.33
CA VAL B 126 -7.20 -17.03 19.45
C VAL B 126 -6.91 -18.36 20.17
N SER B 127 -7.70 -18.70 21.22
CA SER B 127 -7.54 -19.93 22.00
C SER B 127 -7.79 -21.19 21.16
N ARG B 128 -8.77 -21.13 20.23
CA ARG B 128 -9.04 -22.22 19.29
C ARG B 128 -7.83 -22.43 18.40
N PHE B 129 -7.16 -21.32 18.00
CA PHE B 129 -5.94 -21.39 17.16
C PHE B 129 -4.78 -22.02 17.93
N ASP B 130 -4.62 -21.67 19.22
CA ASP B 130 -3.60 -22.25 20.11
C ASP B 130 -3.83 -23.76 20.28
N ALA B 131 -5.11 -24.17 20.35
CA ALA B 131 -5.54 -25.55 20.52
C ALA B 131 -5.70 -26.31 19.19
N GLY B 132 -5.05 -25.82 18.13
CA GLY B 132 -5.07 -26.50 16.83
C GLY B 132 -6.33 -26.40 16.00
N GLY B 133 -7.26 -25.56 16.41
CA GLY B 133 -8.48 -25.31 15.63
C GLY B 133 -8.39 -24.13 14.66
N ASP B 134 -9.53 -23.61 14.27
CA ASP B 134 -9.62 -22.53 13.28
C ASP B 134 -10.22 -21.23 13.88
N TRP B 135 -9.38 -20.21 14.02
CA TRP B 135 -9.75 -18.90 14.52
C TRP B 135 -10.63 -18.10 13.54
N THR B 136 -10.47 -18.37 12.22
CA THR B 136 -11.17 -17.67 11.14
C THR B 136 -12.71 -17.78 11.15
N THR B 137 -13.30 -18.73 11.88
CA THR B 137 -14.77 -18.87 11.96
C THR B 137 -15.40 -17.65 12.63
N SER B 138 -14.59 -16.91 13.42
CA SER B 138 -14.99 -15.69 14.10
C SER B 138 -14.85 -14.43 13.23
N LEU B 139 -14.34 -14.58 12.00
CA LEU B 139 -14.16 -13.48 11.04
C LEU B 139 -15.50 -13.05 10.49
N SER B 140 -15.65 -11.78 10.25
CA SER B 140 -16.85 -11.28 9.59
C SER B 140 -16.39 -10.20 8.62
N PRO B 141 -17.11 -9.96 7.51
CA PRO B 141 -16.65 -8.92 6.58
C PRO B 141 -16.57 -7.54 7.17
N ALA B 142 -15.60 -6.74 6.69
CA ALA B 142 -15.50 -5.35 7.10
C ALA B 142 -16.32 -4.54 6.04
N ASP B 143 -16.31 -3.19 6.14
CA ASP B 143 -17.00 -2.32 5.18
C ASP B 143 -15.98 -1.95 4.06
N LEU B 144 -14.84 -2.68 4.00
CA LEU B 144 -13.74 -2.42 3.07
C LEU B 144 -13.40 -3.62 2.23
N VAL B 145 -12.89 -3.34 1.04
CA VAL B 145 -12.36 -4.30 0.08
C VAL B 145 -10.97 -3.80 -0.33
N LEU B 146 -10.13 -4.70 -0.85
CA LEU B 146 -8.86 -4.33 -1.46
C LEU B 146 -9.28 -3.93 -2.89
N SER B 147 -8.88 -2.74 -3.31
CA SER B 147 -9.23 -2.20 -4.63
C SER B 147 -8.80 -3.04 -5.80
N PRO B 148 -9.73 -3.42 -6.71
CA PRO B 148 -9.32 -4.27 -7.86
C PRO B 148 -8.91 -3.45 -9.09
N ALA B 149 -9.17 -2.14 -9.06
CA ALA B 149 -8.82 -1.15 -10.08
C ALA B 149 -8.73 0.21 -9.36
N ALA B 150 -7.76 1.03 -9.75
CA ALA B 150 -7.46 2.34 -9.15
C ALA B 150 -8.53 3.41 -9.26
N CYS B 151 -9.28 3.44 -10.38
CA CYS B 151 -10.27 4.48 -10.64
C CYS B 151 -11.55 4.42 -9.80
N TYR B 152 -12.05 3.20 -9.44
CA TYR B 152 -13.30 3.07 -8.69
C TYR B 152 -13.62 4.14 -7.65
N PRO B 153 -12.73 4.55 -6.69
CA PRO B 153 -13.14 5.56 -5.70
C PRO B 153 -13.33 6.98 -6.23
N VAL B 154 -12.88 7.26 -7.45
CA VAL B 154 -12.93 8.62 -8.00
C VAL B 154 -14.33 9.12 -8.31
N TYR B 155 -15.23 8.21 -8.75
CA TYR B 155 -16.60 8.54 -9.15
C TYR B 155 -17.44 9.13 -8.03
N PRO B 156 -17.50 8.56 -6.78
CA PRO B 156 -18.26 9.22 -5.71
C PRO B 156 -17.67 10.57 -5.31
N ILE B 157 -16.33 10.73 -5.44
CA ILE B 157 -15.61 11.97 -5.13
C ILE B 157 -16.05 13.08 -6.08
N ALA B 158 -16.09 12.76 -7.39
CA ALA B 158 -16.52 13.65 -8.46
C ALA B 158 -18.02 14.00 -8.28
N ALA B 159 -18.86 13.01 -8.01
CA ALA B 159 -20.30 13.16 -7.80
C ALA B 159 -20.64 14.14 -6.67
N SER B 160 -19.83 14.15 -5.60
CA SER B 160 -20.02 15.01 -4.43
C SER B 160 -19.80 16.51 -4.73
N ARG B 161 -19.22 16.84 -5.89
CA ARG B 161 -18.88 18.20 -6.30
C ARG B 161 -19.98 18.91 -7.10
N GLY B 162 -21.08 18.19 -7.39
CA GLY B 162 -22.20 18.72 -8.14
C GLY B 162 -22.04 18.50 -9.62
N PRO B 163 -22.70 19.34 -10.46
CA PRO B 163 -22.58 19.16 -11.92
C PRO B 163 -21.17 19.46 -12.42
N LEU B 164 -20.78 18.77 -13.49
CA LEU B 164 -19.45 18.91 -14.09
C LEU B 164 -19.36 20.20 -14.88
N PRO B 165 -18.18 20.86 -14.94
CA PRO B 165 -18.03 22.02 -15.83
C PRO B 165 -18.01 21.55 -17.29
N LYS B 166 -18.07 22.49 -18.25
CA LYS B 166 -18.00 22.20 -19.68
C LYS B 166 -16.58 21.72 -19.90
N GLY B 167 -16.42 20.63 -20.65
CA GLY B 167 -15.11 20.04 -20.87
C GLY B 167 -14.89 18.84 -19.96
N GLY B 168 -15.68 18.76 -18.88
CA GLY B 168 -15.67 17.69 -17.90
C GLY B 168 -14.56 17.78 -16.89
N LEU B 169 -14.25 16.64 -16.24
CA LEU B 169 -13.17 16.54 -15.24
C LEU B 169 -12.14 15.50 -15.59
N ARG B 170 -10.89 15.79 -15.28
N ARG B 170 -10.88 15.81 -15.29
CA ARG B 170 -9.78 14.87 -15.50
CA ARG B 170 -9.75 14.91 -15.50
C ARG B 170 -9.07 14.62 -14.19
C ARG B 170 -9.10 14.62 -14.16
N PHE B 171 -8.80 13.34 -13.92
CA PHE B 171 -8.13 12.90 -12.71
C PHE B 171 -6.91 12.02 -13.06
N ASP B 172 -5.91 12.07 -12.19
CA ASP B 172 -4.74 11.23 -12.27
C ASP B 172 -4.80 10.42 -10.96
N VAL B 173 -5.10 9.14 -11.07
CA VAL B 173 -5.24 8.29 -9.89
C VAL B 173 -4.21 7.17 -9.87
N ALA B 174 -3.90 6.65 -8.70
CA ALA B 174 -2.99 5.51 -8.52
C ALA B 174 -3.35 4.76 -7.27
N ALA B 175 -3.19 3.43 -7.33
CA ALA B 175 -3.46 2.56 -6.18
C ALA B 175 -2.73 1.23 -6.37
N ASP B 176 -2.47 0.57 -5.23
CA ASP B 176 -1.99 -0.79 -5.13
C ASP B 176 -3.27 -1.61 -5.20
N CYS B 177 -3.42 -2.33 -6.30
CA CYS B 177 -4.59 -3.14 -6.52
C CYS B 177 -4.42 -4.59 -6.16
N PHE B 178 -5.55 -5.27 -5.99
CA PHE B 178 -5.60 -6.69 -5.64
C PHE B 178 -6.62 -7.42 -6.50
N ARG B 179 -6.21 -8.57 -7.03
CA ARG B 179 -7.03 -9.48 -7.83
C ARG B 179 -6.62 -10.89 -7.45
N ARG B 180 -7.55 -11.69 -6.91
CA ARG B 180 -7.26 -13.07 -6.47
C ARG B 180 -6.99 -14.02 -7.64
N GLU B 181 -5.90 -13.78 -8.35
CA GLU B 181 -5.47 -14.62 -9.48
C GLU B 181 -4.06 -15.15 -9.25
N PRO B 182 -3.90 -16.12 -8.30
CA PRO B 182 -2.54 -16.65 -8.05
C PRO B 182 -1.93 -17.29 -9.28
N SER B 183 -0.66 -16.97 -9.48
CA SER B 183 0.12 -17.40 -10.62
C SER B 183 1.60 -17.36 -10.26
N LYS B 184 2.38 -18.13 -10.99
CA LYS B 184 3.83 -18.16 -10.80
C LYS B 184 4.52 -17.22 -11.81
N HIS B 185 3.73 -16.72 -12.78
CA HIS B 185 4.25 -15.82 -13.79
C HIS B 185 4.37 -14.44 -13.24
N LEU B 186 5.51 -13.83 -13.58
CA LEU B 186 5.85 -12.50 -13.14
C LEU B 186 5.04 -11.42 -13.77
N ASP B 187 4.21 -11.76 -14.75
CA ASP B 187 3.41 -10.73 -15.37
C ASP B 187 1.96 -10.82 -14.94
N ARG B 188 1.70 -11.72 -13.98
CA ARG B 188 0.39 -11.87 -13.46
C ARG B 188 0.47 -11.97 -11.93
N LEU B 189 0.24 -10.81 -11.26
CA LEU B 189 0.35 -10.71 -9.82
C LEU B 189 -1.01 -10.64 -9.14
N GLN B 190 -1.06 -10.79 -7.79
CA GLN B 190 -2.30 -10.64 -7.02
C GLN B 190 -2.28 -9.22 -6.44
N SER B 191 -1.08 -8.73 -6.07
CA SER B 191 -0.91 -7.37 -5.58
C SER B 191 -0.03 -6.63 -6.58
N PHE B 192 -0.57 -5.59 -7.23
CA PHE B 192 0.13 -4.85 -8.29
C PHE B 192 -0.32 -3.37 -8.33
N ARG B 193 0.57 -2.48 -8.80
N ARG B 193 0.59 -2.45 -8.70
CA ARG B 193 0.34 -1.05 -8.91
CA ARG B 193 0.26 -1.01 -8.78
C ARG B 193 -0.35 -0.65 -10.21
C ARG B 193 -0.35 -0.64 -10.15
N MET B 194 -1.40 0.19 -10.11
CA MET B 194 -2.11 0.66 -11.27
C MET B 194 -2.15 2.18 -11.22
N ARG B 195 -1.69 2.82 -12.31
CA ARG B 195 -1.73 4.26 -12.49
C ARG B 195 -2.76 4.53 -13.57
N GLU B 196 -3.62 5.54 -13.38
CA GLU B 196 -4.64 5.84 -14.39
C GLU B 196 -4.95 7.30 -14.53
N TYR B 197 -5.29 7.70 -15.77
CA TYR B 197 -5.82 8.99 -16.12
C TYR B 197 -7.31 8.72 -16.43
N VAL B 198 -8.19 9.50 -15.79
CA VAL B 198 -9.64 9.31 -15.86
C VAL B 198 -10.32 10.53 -16.44
N CYS B 199 -11.19 10.34 -17.45
CA CYS B 199 -12.01 11.45 -17.99
C CYS B 199 -13.47 11.21 -17.59
N ILE B 200 -14.11 12.27 -17.06
CA ILE B 200 -15.54 12.28 -16.64
C ILE B 200 -16.17 13.47 -17.34
N GLY B 201 -17.13 13.19 -18.21
CA GLY B 201 -17.84 14.23 -18.97
C GLY B 201 -18.83 13.67 -19.99
N THR B 202 -19.03 14.42 -21.11
CA THR B 202 -19.92 14.03 -22.22
C THR B 202 -19.25 12.90 -23.03
N PRO B 203 -20.01 12.14 -23.85
CA PRO B 203 -19.37 11.11 -24.68
C PRO B 203 -18.28 11.68 -25.60
N ASP B 204 -18.36 12.99 -25.95
CA ASP B 204 -17.36 13.68 -26.80
C ASP B 204 -16.05 13.86 -26.05
N ASP B 205 -16.14 14.37 -24.79
CA ASP B 205 -15.01 14.58 -23.88
C ASP B 205 -14.24 13.28 -23.68
N VAL B 206 -14.97 12.20 -23.37
CA VAL B 206 -14.39 10.86 -23.15
C VAL B 206 -13.74 10.34 -24.43
N SER B 207 -14.43 10.46 -25.58
CA SER B 207 -13.93 10.03 -26.90
C SER B 207 -12.64 10.75 -27.27
N ASP B 208 -12.60 12.10 -27.16
CA ASP B 208 -11.41 12.91 -27.47
C ASP B 208 -10.24 12.44 -26.63
N PHE B 209 -10.49 12.30 -25.31
CA PHE B 209 -9.54 11.86 -24.30
C PHE B 209 -8.96 10.50 -24.67
N ARG B 210 -9.81 9.55 -25.05
CA ARG B 210 -9.38 8.22 -25.44
C ARG B 210 -8.55 8.23 -26.73
N GLU B 211 -8.84 9.16 -27.63
CA GLU B 211 -8.06 9.26 -28.85
C GLU B 211 -6.72 9.86 -28.49
N ARG B 212 -6.71 10.89 -27.63
CA ARG B 212 -5.46 11.51 -27.19
C ARG B 212 -4.55 10.50 -26.51
N TRP B 213 -5.13 9.66 -25.62
CA TRP B 213 -4.35 8.67 -24.91
C TRP B 213 -3.95 7.47 -25.67
N MET B 214 -4.73 7.09 -26.69
CA MET B 214 -4.37 5.94 -27.50
C MET B 214 -3.06 6.27 -28.21
N VAL B 215 -2.87 7.57 -28.60
CA VAL B 215 -1.69 8.15 -29.26
C VAL B 215 -0.52 8.30 -28.27
N ARG B 216 -0.73 9.00 -27.13
CA ARG B 216 0.24 9.24 -26.06
C ARG B 216 0.81 7.95 -25.45
N ALA B 217 -0.03 6.93 -25.23
CA ALA B 217 0.40 5.66 -24.68
C ALA B 217 1.38 4.96 -25.61
N GLN B 218 1.14 5.05 -26.92
CA GLN B 218 2.01 4.47 -27.93
C GLN B 218 3.35 5.21 -28.01
N ALA B 219 3.32 6.56 -27.90
CA ALA B 219 4.52 7.40 -27.88
C ALA B 219 5.42 7.07 -26.67
N ILE B 220 4.79 6.81 -25.49
CA ILE B 220 5.48 6.42 -24.25
C ILE B 220 6.16 5.06 -24.44
N ALA B 221 5.42 4.02 -24.88
CA ALA B 221 5.98 2.69 -25.11
C ALA B 221 7.12 2.69 -26.16
N ARG B 222 7.02 3.55 -27.18
CA ARG B 222 8.03 3.75 -28.22
C ARG B 222 9.29 4.38 -27.59
N ASP B 223 9.11 5.50 -26.86
CA ASP B 223 10.18 6.19 -26.16
C ASP B 223 10.96 5.27 -25.21
N LEU B 224 10.24 4.32 -24.56
CA LEU B 224 10.81 3.33 -23.63
C LEU B 224 11.52 2.16 -24.32
N GLY B 225 11.52 2.15 -25.66
CA GLY B 225 12.14 1.13 -26.48
C GLY B 225 11.43 -0.21 -26.44
N LEU B 226 10.10 -0.17 -26.20
CA LEU B 226 9.29 -1.39 -26.11
C LEU B 226 8.61 -1.79 -27.42
N THR B 227 8.49 -3.11 -27.64
CA THR B 227 7.79 -3.70 -28.80
C THR B 227 6.37 -3.95 -28.38
N PHE B 228 5.44 -3.40 -29.16
CA PHE B 228 4.02 -3.50 -28.85
C PHE B 228 3.10 -3.51 -30.07
N ARG B 229 1.83 -3.87 -29.82
CA ARG B 229 0.72 -3.88 -30.76
C ARG B 229 -0.52 -3.47 -29.95
N VAL B 230 -1.30 -2.52 -30.47
CA VAL B 230 -2.56 -2.10 -29.85
C VAL B 230 -3.67 -2.97 -30.46
N ASP B 231 -4.54 -3.55 -29.61
CA ASP B 231 -5.60 -4.46 -30.03
C ASP B 231 -6.88 -4.37 -29.19
N TYR B 232 -7.72 -5.44 -29.22
CA TYR B 232 -9.01 -5.61 -28.53
C TYR B 232 -10.04 -4.57 -28.95
N LEU B 254 -16.17 -1.52 -25.62
CA LEU B 254 -15.03 -0.74 -26.12
C LEU B 254 -13.84 -0.78 -25.15
N LYS B 255 -12.72 -1.44 -25.56
CA LYS B 255 -11.48 -1.58 -24.77
C LYS B 255 -10.25 -1.77 -25.65
N PHE B 256 -9.28 -0.82 -25.57
CA PHE B 256 -7.99 -0.88 -26.26
C PHE B 256 -7.02 -1.51 -25.25
N GLU B 257 -6.04 -2.27 -25.74
CA GLU B 257 -4.93 -2.79 -24.96
C GLU B 257 -3.66 -2.61 -25.75
N LEU B 258 -2.58 -2.24 -25.07
CA LEU B 258 -1.26 -2.10 -25.67
C LEU B 258 -0.61 -3.36 -25.18
N LEU B 259 -0.35 -4.30 -26.08
CA LEU B 259 0.21 -5.60 -25.75
C LEU B 259 1.67 -5.71 -26.05
N ILE B 260 2.43 -6.21 -25.06
CA ILE B 260 3.88 -6.39 -25.13
C ILE B 260 4.21 -7.86 -24.95
N PRO B 261 5.01 -8.47 -25.86
CA PRO B 261 5.42 -9.87 -25.64
C PRO B 261 6.41 -9.98 -24.47
N LEU B 262 6.10 -10.76 -23.44
CA LEU B 262 7.00 -10.95 -22.29
C LEU B 262 7.31 -12.43 -22.17
N ARG B 263 6.26 -13.27 -22.11
CA ARG B 263 6.30 -14.73 -22.02
C ARG B 263 6.46 -15.33 -23.40
N SER B 264 5.74 -14.80 -24.40
CA SER B 264 5.73 -15.24 -25.81
C SER B 264 5.27 -14.11 -26.73
N GLU B 265 5.65 -14.18 -28.02
CA GLU B 265 5.21 -13.20 -29.01
C GLU B 265 3.77 -13.54 -29.43
N GLU B 266 3.41 -14.83 -29.25
CA GLU B 266 2.11 -15.42 -29.58
C GLU B 266 1.04 -14.91 -28.62
N GLN B 267 1.33 -14.95 -27.30
CA GLN B 267 0.44 -14.47 -26.26
C GLN B 267 1.08 -13.25 -25.55
N PRO B 268 0.98 -12.01 -26.14
CA PRO B 268 1.59 -10.85 -25.46
C PRO B 268 0.80 -10.45 -24.22
N THR B 269 1.41 -9.60 -23.36
CA THR B 269 0.81 -9.16 -22.10
C THR B 269 0.24 -7.75 -22.20
N ALA B 270 -0.98 -7.55 -21.70
CA ALA B 270 -1.64 -6.23 -21.68
C ALA B 270 -0.95 -5.39 -20.58
N CYS B 271 -0.16 -4.39 -20.99
CA CYS B 271 0.60 -3.49 -20.11
C CYS B 271 -0.08 -2.15 -19.94
N MET B 272 -1.00 -1.82 -20.86
CA MET B 272 -1.83 -0.60 -20.82
C MET B 272 -3.20 -0.91 -21.41
N SER B 273 -4.23 -0.16 -21.00
CA SER B 273 -5.58 -0.35 -21.52
C SER B 273 -6.44 0.87 -21.44
N PHE B 274 -7.39 0.99 -22.37
CA PHE B 274 -8.40 2.03 -22.25
C PHE B 274 -9.67 1.31 -22.04
N ASN B 275 -10.37 1.69 -20.98
CA ASN B 275 -11.65 1.14 -20.63
C ASN B 275 -12.70 2.24 -20.80
N TYR B 276 -13.77 1.93 -21.51
CA TYR B 276 -14.91 2.82 -21.66
C TYR B 276 -16.00 2.27 -20.77
N HIS B 277 -16.60 3.12 -19.95
CA HIS B 277 -17.62 2.61 -19.03
C HIS B 277 -19.01 3.11 -19.36
N ARG B 278 -19.18 3.81 -20.51
CA ARG B 278 -20.46 4.40 -20.93
C ARG B 278 -20.89 5.39 -19.84
N GLU B 279 -22.21 5.47 -19.53
CA GLU B 279 -22.76 6.34 -18.48
C GLU B 279 -22.95 5.57 -17.16
N HIS B 280 -22.36 4.35 -17.11
CA HIS B 280 -22.45 3.46 -15.95
C HIS B 280 -22.21 4.16 -14.62
N PHE B 281 -21.04 4.80 -14.44
CA PHE B 281 -20.71 5.50 -13.20
C PHE B 281 -21.49 6.80 -13.04
N GLY B 282 -21.85 7.43 -14.16
CA GLY B 282 -22.62 8.68 -14.18
C GLY B 282 -23.99 8.46 -13.58
N THR B 283 -24.64 7.37 -14.00
CA THR B 283 -25.96 6.92 -13.52
C THR B 283 -25.86 6.45 -12.07
N THR B 284 -24.90 5.53 -11.78
CA THR B 284 -24.69 4.96 -10.45
C THR B 284 -24.47 6.02 -9.38
N TRP B 285 -23.65 7.05 -9.67
CA TRP B 285 -23.30 8.08 -8.70
C TRP B 285 -24.01 9.39 -8.91
N GLY B 286 -24.85 9.47 -9.93
CA GLY B 286 -25.59 10.69 -10.25
C GLY B 286 -24.68 11.82 -10.68
N ILE B 287 -23.67 11.50 -11.54
CA ILE B 287 -22.77 12.52 -12.08
C ILE B 287 -23.47 13.07 -13.32
N GLN B 288 -23.67 14.38 -13.33
CA GLN B 288 -24.34 15.11 -14.39
C GLN B 288 -23.35 15.97 -15.18
N ASP B 289 -23.36 15.88 -16.50
CA ASP B 289 -22.46 16.75 -17.26
C ASP B 289 -22.98 18.22 -17.27
N ALA B 290 -22.35 19.10 -18.06
CA ALA B 290 -22.74 20.51 -18.16
C ALA B 290 -24.18 20.70 -18.69
N ASN B 291 -24.66 19.78 -19.57
CA ASN B 291 -25.98 19.76 -20.20
C ASN B 291 -27.03 19.06 -19.35
N GLY B 292 -26.66 18.63 -18.14
CA GLY B 292 -27.53 17.92 -17.23
C GLY B 292 -27.86 16.46 -17.55
N GLU B 293 -27.04 15.78 -18.38
CA GLU B 293 -27.26 14.37 -18.75
C GLU B 293 -26.35 13.46 -17.88
N PRO B 294 -26.65 12.14 -17.72
CA PRO B 294 -25.73 11.29 -16.94
C PRO B 294 -24.35 11.26 -17.60
N ALA B 295 -23.31 11.57 -16.82
CA ALA B 295 -21.95 11.66 -17.34
C ALA B 295 -21.38 10.33 -17.84
N HIS B 296 -20.60 10.39 -18.92
CA HIS B 296 -19.82 9.26 -19.44
C HIS B 296 -18.42 9.31 -18.81
N THR B 297 -17.78 8.13 -18.71
CA THR B 297 -16.45 8.00 -18.11
C THR B 297 -15.56 7.02 -18.91
N GLY B 298 -14.29 7.35 -18.97
CA GLY B 298 -13.26 6.54 -19.59
C GLY B 298 -11.97 6.68 -18.84
N CYS B 299 -11.10 5.68 -18.94
CA CYS B 299 -9.82 5.72 -18.28
C CYS B 299 -8.74 5.00 -19.05
N VAL B 300 -7.51 5.54 -18.96
CA VAL B 300 -6.32 4.92 -19.51
C VAL B 300 -5.53 4.35 -18.30
N ALA B 301 -5.36 3.04 -18.26
CA ALA B 301 -4.65 2.36 -17.20
C ALA B 301 -3.26 1.94 -17.62
N PHE B 302 -2.30 2.15 -16.72
CA PHE B 302 -0.90 1.75 -16.84
C PHE B 302 -0.62 0.74 -15.73
N GLY B 303 -0.20 -0.45 -16.14
CA GLY B 303 0.21 -1.51 -15.24
C GLY B 303 1.67 -1.30 -14.90
N MET B 304 1.92 -0.64 -13.76
CA MET B 304 3.26 -0.31 -13.26
C MET B 304 4.22 -1.48 -13.12
N ASP B 305 3.71 -2.60 -12.60
CA ASP B 305 4.51 -3.81 -12.44
C ASP B 305 4.78 -4.48 -13.76
N ARG B 306 3.78 -4.51 -14.64
CA ARG B 306 3.91 -5.08 -15.98
C ARG B 306 4.86 -4.28 -16.85
N LEU B 307 4.79 -2.93 -16.77
CA LEU B 307 5.68 -2.04 -17.52
C LEU B 307 7.12 -2.15 -16.99
N ALA B 308 7.28 -2.39 -15.68
CA ALA B 308 8.61 -2.53 -15.07
C ALA B 308 9.22 -3.83 -15.54
N VAL B 309 8.44 -4.94 -15.52
CA VAL B 309 8.87 -6.26 -15.98
C VAL B 309 9.18 -6.19 -17.50
N ALA B 310 8.34 -5.51 -18.30
CA ALA B 310 8.55 -5.30 -19.75
C ALA B 310 9.92 -4.60 -20.04
N MET B 311 10.27 -3.58 -19.24
CA MET B 311 11.54 -2.84 -19.34
C MET B 311 12.73 -3.78 -19.10
N PHE B 312 12.69 -4.55 -18.00
CA PHE B 312 13.76 -5.48 -17.65
C PHE B 312 13.89 -6.64 -18.63
N HIS B 313 12.76 -7.12 -19.16
CA HIS B 313 12.74 -8.19 -20.12
C HIS B 313 13.36 -7.72 -21.45
N THR B 314 13.00 -6.51 -21.87
CA THR B 314 13.45 -5.90 -23.13
C THR B 314 14.90 -5.44 -23.06
N HIS B 315 15.28 -4.74 -21.97
CA HIS B 315 16.57 -4.09 -21.84
C HIS B 315 17.58 -4.74 -20.89
N GLY B 316 17.13 -5.74 -20.11
CA GLY B 316 17.98 -6.46 -19.16
C GLY B 316 18.04 -5.82 -17.80
N THR B 317 18.70 -6.49 -16.83
CA THR B 317 18.82 -6.02 -15.44
C THR B 317 19.94 -5.05 -15.17
N ASP B 318 20.78 -4.78 -16.18
CA ASP B 318 21.91 -3.87 -16.03
C ASP B 318 21.51 -2.53 -16.61
N LEU B 319 21.22 -1.56 -15.71
CA LEU B 319 20.78 -0.23 -16.15
C LEU B 319 21.81 0.54 -16.97
N SER B 320 23.10 0.36 -16.70
CA SER B 320 24.20 1.00 -17.43
C SER B 320 24.26 0.63 -18.91
N ALA B 321 23.66 -0.50 -19.28
CA ALA B 321 23.61 -0.99 -20.64
C ALA B 321 22.28 -0.65 -21.34
N TRP B 322 21.38 0.09 -20.66
CA TRP B 322 20.11 0.45 -21.30
C TRP B 322 20.34 1.53 -22.37
N PRO B 323 19.54 1.58 -23.48
CA PRO B 323 19.78 2.63 -24.49
C PRO B 323 19.75 4.03 -23.88
N ALA B 324 20.65 4.89 -24.36
CA ALA B 324 20.83 6.28 -23.90
C ALA B 324 19.54 7.11 -23.94
N LYS B 325 18.70 6.94 -24.98
CA LYS B 325 17.43 7.65 -25.13
C LYS B 325 16.50 7.23 -24.01
N VAL B 326 16.43 5.92 -23.74
CA VAL B 326 15.62 5.29 -22.69
C VAL B 326 16.13 5.77 -21.32
N ARG B 327 17.44 5.68 -21.10
CA ARG B 327 18.06 6.16 -19.84
C ARG B 327 17.76 7.64 -19.65
N ASP B 328 17.84 8.46 -20.72
CA ASP B 328 17.57 9.90 -20.65
C ASP B 328 16.14 10.22 -20.26
N ILE B 329 15.14 9.61 -20.92
CA ILE B 329 13.73 9.86 -20.59
C ILE B 329 13.34 9.44 -19.16
N LEU B 330 14.05 8.45 -18.58
CA LEU B 330 13.82 7.95 -17.24
C LEU B 330 14.68 8.64 -16.16
N GLY B 331 15.41 9.69 -16.53
CA GLY B 331 16.35 10.32 -15.60
C GLY B 331 17.65 9.56 -15.74
N LEU B 332 18.04 8.81 -14.70
CA LEU B 332 19.25 7.96 -14.75
C LEU B 332 20.57 8.70 -15.05
ZN ZN C . 8.89 -3.21 12.83
MG MG D . -1.53 -0.27 17.48
PG ATP E . -0.50 4.01 18.67
O1G ATP E . -0.79 5.47 18.34
O2G ATP E . -0.32 3.90 20.19
O3G ATP E . -1.70 3.10 18.30
PB ATP E . 1.33 1.94 17.84
O1B ATP E . -0.03 1.11 17.82
O2B ATP E . 2.12 1.43 19.12
O3B ATP E . 0.87 3.49 17.96
PA ATP E . 3.59 0.94 16.06
O1A ATP E . 3.25 -0.51 16.10
O2A ATP E . 4.94 1.20 16.79
O3A ATP E . 2.31 1.80 16.56
O5' ATP E . 3.69 1.42 14.50
C5' ATP E . 4.78 2.18 14.00
C4' ATP E . 4.31 3.57 13.65
O4' ATP E . 3.28 3.62 12.56
C3' ATP E . 3.81 4.40 14.81
O3' ATP E . 4.85 4.93 15.57
C2' ATP E . 3.06 5.51 14.05
O2' ATP E . 4.08 6.44 13.66
C1' ATP E . 2.41 4.76 12.83
N9 ATP E . 1.05 4.32 13.12
C8 ATP E . 0.69 3.29 13.96
N7 ATP E . -0.61 3.11 14.04
C5 ATP E . -1.12 4.11 13.18
C6 ATP E . -2.47 4.44 12.82
N6 ATP E . -3.57 3.73 13.30
N1 ATP E . -2.68 5.54 11.98
C2 ATP E . -1.61 6.23 11.46
N3 ATP E . -0.30 5.93 11.70
C4 ATP E . -0.12 4.87 12.59
ZN ZN F . -10.01 2.45 -14.54
MG MG G . -7.54 -9.65 -15.95
PG ATP H . -5.34 -9.17 -18.25
O1G ATP H . -6.07 -9.67 -19.48
O2G ATP H . -5.97 -9.86 -17.07
O3G ATP H . -3.90 -9.49 -18.44
PB ATP H . -6.97 -6.96 -17.57
O1B ATP H . -7.66 -7.70 -16.38
O2B ATP H . -7.83 -6.99 -18.84
O3B ATP H . -5.59 -7.63 -18.00
PA ATP H . -7.25 -4.22 -16.57
O1A ATP H . -8.48 -4.50 -15.70
O2A ATP H . -7.48 -3.17 -17.67
O3A ATP H . -6.59 -5.48 -17.23
O5' ATP H . -6.14 -3.49 -15.65
C5' ATP H . -5.43 -2.35 -16.18
C4' ATP H . -3.95 -2.71 -16.17
O4' ATP H . -3.51 -3.31 -14.93
C3' ATP H . -3.62 -3.75 -17.22
O3' ATP H . -3.62 -3.06 -18.43
C2' ATP H . -2.31 -4.37 -16.78
O2' ATP H . -1.29 -3.39 -17.13
C1' ATP H . -2.48 -4.37 -15.24
N9 ATP H . -2.85 -5.65 -14.62
C8 ATP H . -4.11 -6.23 -14.66
N7 ATP H . -4.14 -7.35 -14.01
C5 ATP H . -2.85 -7.54 -13.53
C6 ATP H . -2.30 -8.57 -12.77
N6 ATP H . -3.07 -9.64 -12.32
N1 ATP H . -0.99 -8.52 -12.43
C2 ATP H . -0.26 -7.43 -12.82
N3 ATP H . -0.68 -6.36 -13.55
C4 ATP H . -2.02 -6.50 -13.88
#